data_7HHO
#
_entry.id   7HHO
#
_cell.length_a   41.600
_cell.length_b   42.160
_cell.length_c   159.390
_cell.angle_alpha   90.00
_cell.angle_beta   90.00
_cell.angle_gamma   90.00
#
_symmetry.space_group_name_H-M   'P 21 21 21'
#
loop_
_entity.id
_entity.type
_entity.pdbx_description
1 polymer 'Hepatoma-derived growth factor-related protein 2'
2 non-polymer 'SULFATE ION'
3 non-polymer 1,2-ETHANEDIOL
4 non-polymer ~{N}-(3-azanyl-2-methyl-phenyl)propanamide
5 water water
#
_entity_poly.entity_id   1
_entity_poly.type   'polypeptide(L)'
_entity_poly.pdbx_seq_one_letter_code
;GMPHAFKPGDLVFAKMKGYPHWPARIDDIADGAVKPPPNKYPIFFFGTHETAFLGPKDLFPYDKSKDKYGKPNKRKGFNE
GLWEIQNNPHASYS
;
_entity_poly.pdbx_strand_id   A,B,C
#
loop_
_chem_comp.id
_chem_comp.type
_chem_comp.name
_chem_comp.formula
A1H9U non-polymer ~{N}-(3-azanyl-2-methyl-phenyl)propanamide 'C10 H14 N2 O'
EDO non-polymer 1,2-ETHANEDIOL 'C2 H6 O2'
SO4 non-polymer 'SULFATE ION' 'O4 S -2'
#
# COMPACT_ATOMS: atom_id res chain seq x y z
N MET A 2 10.55 -23.30 -11.96
CA MET A 2 10.97 -23.43 -10.54
C MET A 2 10.94 -22.06 -9.84
N PRO A 3 10.77 -22.05 -8.49
CA PRO A 3 10.84 -20.82 -7.68
C PRO A 3 12.09 -19.93 -7.75
N HIS A 4 11.85 -18.63 -7.70
CA HIS A 4 12.94 -17.67 -7.56
C HIS A 4 12.98 -17.31 -6.08
N ALA A 5 13.96 -16.48 -5.69
CA ALA A 5 13.86 -15.77 -4.43
C ALA A 5 12.69 -14.79 -4.42
N PHE A 6 12.27 -14.40 -3.22
CA PHE A 6 11.25 -13.38 -3.08
C PHE A 6 11.74 -12.08 -3.72
N LYS A 7 10.79 -11.33 -4.32
CA LYS A 7 11.12 -10.01 -4.83
C LYS A 7 9.96 -9.07 -4.52
N PRO A 8 10.21 -7.75 -4.48
CA PRO A 8 9.12 -6.79 -4.28
C PRO A 8 8.00 -7.04 -5.29
N GLY A 9 6.75 -6.94 -4.80
CA GLY A 9 5.57 -7.17 -5.59
C GLY A 9 5.00 -8.57 -5.37
N ASP A 10 5.83 -9.52 -4.87
CA ASP A 10 5.29 -10.86 -4.68
C ASP A 10 4.15 -10.87 -3.65
N LEU A 11 3.09 -11.67 -3.88
CA LEU A 11 1.96 -11.70 -2.97
C LEU A 11 2.11 -12.96 -2.14
N VAL A 12 1.76 -12.84 -0.84
CA VAL A 12 1.99 -13.96 0.08
C VAL A 12 0.89 -13.99 1.13
N PHE A 13 0.84 -15.08 1.89
CA PHE A 13 0.33 -14.95 3.25
C PHE A 13 1.53 -14.99 4.19
N ALA A 14 1.52 -14.10 5.19
CA ALA A 14 2.67 -13.91 6.04
C ALA A 14 2.28 -14.26 7.47
N LYS A 15 3.17 -14.99 8.13
CA LYS A 15 2.84 -15.60 9.42
C LYS A 15 3.62 -14.84 10.49
N MET A 16 2.87 -14.30 11.45
CA MET A 16 3.44 -13.76 12.67
C MET A 16 2.86 -14.53 13.88
N LYS A 17 3.68 -14.68 14.92
CA LYS A 17 3.28 -15.32 16.16
C LYS A 17 1.98 -14.74 16.68
N GLY A 18 1.03 -15.62 17.00
CA GLY A 18 -0.19 -15.15 17.64
C GLY A 18 -1.23 -14.66 16.63
N TYR A 19 -0.90 -14.72 15.34
CA TYR A 19 -1.89 -14.23 14.39
C TYR A 19 -2.05 -15.24 13.28
N PRO A 20 -3.20 -15.27 12.58
CA PRO A 20 -3.42 -16.25 11.51
C PRO A 20 -2.55 -15.79 10.33
N HIS A 21 -2.21 -16.71 9.43
CA HIS A 21 -1.55 -16.40 8.16
C HIS A 21 -2.29 -15.26 7.46
N TRP A 22 -1.58 -14.17 7.13
CA TRP A 22 -2.23 -12.88 6.83
C TRP A 22 -1.94 -12.42 5.40
N PRO A 23 -2.93 -11.98 4.59
CA PRO A 23 -2.63 -11.53 3.22
C PRO A 23 -1.64 -10.37 3.28
N ALA A 24 -0.61 -10.44 2.44
CA ALA A 24 0.48 -9.46 2.46
C ALA A 24 1.23 -9.44 1.14
N ARG A 25 2.14 -8.46 1.03
CA ARG A 25 3.00 -8.39 -0.14
C ARG A 25 4.41 -8.07 0.33
N ILE A 26 5.37 -8.40 -0.51
CA ILE A 26 6.74 -7.94 -0.32
C ILE A 26 6.81 -6.52 -0.85
N ASP A 27 7.24 -5.60 0.00
CA ASP A 27 7.36 -4.21 -0.43
C ASP A 27 8.73 -3.91 -0.99
N ASP A 28 8.81 -2.79 -1.74
CA ASP A 28 10.06 -2.17 -2.08
C ASP A 28 10.56 -1.41 -0.84
N ILE A 29 11.82 -0.99 -0.86
CA ILE A 29 12.28 0.01 0.10
C ILE A 29 12.50 1.30 -0.70
N ALA A 30 11.80 2.38 -0.34
CA ALA A 30 11.94 3.70 -0.94
C ALA A 30 13.35 4.23 -0.67
N ASP A 31 13.87 4.99 -1.65
CA ASP A 31 15.06 5.80 -1.42
C ASP A 31 14.96 6.54 -0.09
N GLY A 32 16.01 6.38 0.71
CA GLY A 32 16.22 7.09 1.97
C GLY A 32 15.44 6.51 3.14
N ALA A 33 14.69 5.42 2.90
CA ALA A 33 13.88 4.82 3.97
C ALA A 33 14.70 3.72 4.65
N VAL A 34 14.25 3.30 5.85
CA VAL A 34 14.87 2.28 6.69
C VAL A 34 14.86 0.92 6.00
N LYS A 35 16.04 0.28 5.92
CA LYS A 35 16.25 -1.01 5.31
C LYS A 35 15.93 -2.10 6.33
N PRO A 36 15.58 -3.33 5.90
CA PRO A 36 15.29 -4.41 6.86
C PRO A 36 16.62 -5.01 7.35
N PRO A 37 16.63 -5.75 8.48
CA PRO A 37 17.83 -6.52 8.85
C PRO A 37 18.19 -7.47 7.72
N PRO A 38 19.44 -7.99 7.70
CA PRO A 38 19.84 -9.04 6.75
C PRO A 38 18.91 -10.24 6.72
N ASN A 39 18.70 -10.77 5.52
CA ASN A 39 17.88 -11.95 5.29
C ASN A 39 16.39 -11.69 5.58
N LYS A 40 16.01 -10.44 5.92
CA LYS A 40 14.59 -10.14 6.16
C LYS A 40 14.03 -9.32 4.98
N TYR A 41 12.70 -9.36 4.81
CA TYR A 41 12.02 -8.65 3.74
C TYR A 41 11.06 -7.67 4.39
N PRO A 42 10.76 -6.51 3.76
CA PRO A 42 9.74 -5.64 4.31
C PRO A 42 8.39 -6.22 3.87
N ILE A 43 7.53 -6.55 4.83
CA ILE A 43 6.23 -7.16 4.51
C ILE A 43 5.15 -6.12 4.79
N PHE A 44 4.32 -5.84 3.79
CA PHE A 44 3.18 -4.96 3.99
C PHE A 44 1.94 -5.84 4.13
N PHE A 45 1.22 -5.71 5.27
CA PHE A 45 0.06 -6.53 5.57
C PHE A 45 -1.16 -5.76 5.07
N PHE A 46 -1.89 -6.39 4.13
CA PHE A 46 -3.12 -5.80 3.65
C PHE A 46 -4.12 -5.69 4.82
N GLY A 47 -5.08 -4.77 4.67
CA GLY A 47 -6.08 -4.59 5.71
C GLY A 47 -5.60 -3.69 6.86
N THR A 48 -4.63 -4.16 7.67
CA THR A 48 -4.03 -3.35 8.72
C THR A 48 -3.13 -2.27 8.12
N HIS A 49 -2.53 -2.58 6.95
CA HIS A 49 -1.58 -1.65 6.36
C HIS A 49 -0.36 -1.47 7.25
N GLU A 50 -0.05 -2.47 8.09
CA GLU A 50 1.19 -2.40 8.87
C GLU A 50 2.34 -3.07 8.12
N THR A 51 3.59 -2.76 8.54
CA THR A 51 4.78 -3.35 7.95
C THR A 51 5.54 -4.07 9.04
N ALA A 52 6.05 -5.26 8.72
CA ALA A 52 7.00 -5.91 9.59
C ALA A 52 8.08 -6.53 8.73
N PHE A 53 9.17 -6.92 9.40
CA PHE A 53 10.31 -7.51 8.73
C PHE A 53 10.31 -9.00 8.98
N LEU A 54 10.26 -9.78 7.88
CA LEU A 54 10.10 -11.22 8.04
C LEU A 54 11.03 -11.95 7.08
N GLY A 55 11.40 -13.18 7.50
CA GLY A 55 12.21 -14.04 6.65
C GLY A 55 11.35 -15.08 5.94
N PRO A 56 11.89 -15.76 4.89
CA PRO A 56 11.13 -16.72 4.07
C PRO A 56 10.34 -17.80 4.79
N LYS A 57 10.84 -18.21 5.98
CA LYS A 57 10.14 -19.25 6.73
C LYS A 57 8.71 -18.84 7.09
N ASP A 58 8.44 -17.52 7.12
CA ASP A 58 7.11 -17.07 7.49
C ASP A 58 6.31 -16.55 6.28
N LEU A 59 6.78 -16.85 5.06
CA LEU A 59 6.17 -16.29 3.85
C LEU A 59 5.66 -17.44 2.97
N PHE A 60 4.34 -17.47 2.75
CA PHE A 60 3.73 -18.53 1.94
C PHE A 60 3.19 -17.91 0.65
N PRO A 61 3.69 -18.33 -0.53
CA PRO A 61 3.17 -17.77 -1.78
C PRO A 61 1.64 -17.81 -1.93
N TYR A 62 1.07 -16.69 -2.38
CA TYR A 62 -0.37 -16.48 -2.30
C TYR A 62 -1.13 -17.51 -3.16
N ASP A 63 -0.67 -17.72 -4.38
CA ASP A 63 -1.40 -18.59 -5.32
C ASP A 63 -1.51 -19.99 -4.74
N LYS A 64 -0.36 -20.55 -4.31
CA LYS A 64 -0.36 -21.89 -3.71
C LYS A 64 -1.20 -21.99 -2.44
N SER A 65 -1.31 -20.92 -1.62
CA SER A 65 -1.80 -21.04 -0.24
C SER A 65 -3.22 -20.52 -0.05
N LYS A 66 -3.82 -19.88 -1.06
CA LYS A 66 -5.04 -19.12 -0.80
C LYS A 66 -6.22 -20.01 -0.46
N ASP A 67 -6.23 -21.23 -1.01
N ASP A 67 -6.29 -21.20 -1.06
CA ASP A 67 -7.26 -22.24 -0.78
CA ASP A 67 -7.32 -22.17 -0.70
C ASP A 67 -7.26 -22.70 0.69
C ASP A 67 -7.33 -22.33 0.82
N LYS A 68 -6.13 -22.52 1.40
CA LYS A 68 -6.06 -22.87 2.80
C LYS A 68 -6.25 -21.65 3.68
N TYR A 69 -5.69 -20.50 3.28
CA TYR A 69 -5.58 -19.39 4.21
C TYR A 69 -6.50 -18.22 3.85
N GLY A 70 -7.07 -18.21 2.65
CA GLY A 70 -7.85 -17.07 2.21
C GLY A 70 -9.33 -17.22 2.56
N LYS A 71 -9.64 -17.34 3.85
CA LYS A 71 -11.00 -17.44 4.32
C LYS A 71 -11.22 -16.32 5.33
N PRO A 72 -12.46 -15.82 5.49
CA PRO A 72 -12.70 -14.72 6.45
C PRO A 72 -12.28 -15.05 7.88
N ASN A 73 -11.98 -14.00 8.64
CA ASN A 73 -11.38 -14.13 9.95
C ASN A 73 -11.89 -12.96 10.76
N LYS A 74 -12.03 -13.18 12.06
CA LYS A 74 -12.64 -12.22 12.95
C LYS A 74 -11.69 -11.05 13.22
N ARG A 75 -10.39 -11.22 12.93
CA ARG A 75 -9.39 -10.25 13.37
C ARG A 75 -9.49 -8.94 12.61
N LYS A 76 -9.28 -7.82 13.34
CA LYS A 76 -9.35 -6.47 12.81
C LYS A 76 -8.50 -6.40 11.55
N GLY A 77 -9.16 -6.11 10.42
CA GLY A 77 -8.43 -5.75 9.21
C GLY A 77 -8.29 -6.91 8.24
N PHE A 78 -8.61 -8.12 8.68
CA PHE A 78 -8.33 -9.30 7.87
C PHE A 78 -9.17 -9.36 6.59
N ASN A 79 -10.46 -9.07 6.74
CA ASN A 79 -11.38 -9.22 5.61
C ASN A 79 -11.11 -8.12 4.58
N GLU A 80 -10.82 -6.90 5.08
CA GLU A 80 -10.36 -5.83 4.20
C GLU A 80 -9.10 -6.29 3.45
N GLY A 81 -8.16 -6.90 4.18
CA GLY A 81 -6.94 -7.43 3.59
C GLY A 81 -7.17 -8.46 2.48
N LEU A 82 -8.16 -9.34 2.68
CA LEU A 82 -8.53 -10.32 1.68
C LEU A 82 -8.98 -9.61 0.40
N TRP A 83 -9.70 -8.48 0.57
CA TRP A 83 -10.25 -7.82 -0.61
C TRP A 83 -9.08 -7.16 -1.37
N GLU A 84 -8.15 -6.58 -0.61
CA GLU A 84 -7.04 -5.85 -1.20
C GLU A 84 -6.17 -6.80 -2.02
N ILE A 85 -5.82 -7.94 -1.44
CA ILE A 85 -4.86 -8.82 -2.11
C ILE A 85 -5.50 -9.38 -3.38
N GLN A 86 -6.83 -9.58 -3.35
CA GLN A 86 -7.51 -10.13 -4.52
C GLN A 86 -7.79 -9.07 -5.60
N ASN A 87 -8.10 -7.83 -5.19
CA ASN A 87 -8.69 -6.84 -6.07
C ASN A 87 -7.73 -5.72 -6.50
N ASN A 88 -6.80 -5.30 -5.62
CA ASN A 88 -5.84 -4.29 -6.00
C ASN A 88 -4.56 -4.47 -5.17
N PRO A 89 -3.84 -5.61 -5.34
CA PRO A 89 -2.68 -5.89 -4.49
C PRO A 89 -1.46 -4.97 -4.67
N HIS A 90 -1.41 -4.21 -5.78
CA HIS A 90 -0.23 -3.42 -6.11
C HIS A 90 -0.49 -1.92 -5.97
N ALA A 91 -1.66 -1.56 -5.41
CA ALA A 91 -2.01 -0.16 -5.16
C ALA A 91 -1.19 0.48 -4.06
N SER A 92 -1.20 1.83 -4.07
CA SER A 92 -0.69 2.58 -2.92
C SER A 92 -1.74 2.59 -1.81
N TYR A 93 -1.35 2.14 -0.61
CA TYR A 93 -2.24 2.14 0.52
C TYR A 93 -1.74 3.11 1.59
N SER A 94 -0.76 3.96 1.25
CA SER A 94 -0.35 5.00 2.19
C SER A 94 -1.43 6.09 2.29
N MET B 2 25.08 35.62 -11.71
CA MET B 2 25.40 36.30 -10.42
C MET B 2 25.77 35.23 -9.39
N PRO B 3 27.05 35.22 -8.90
CA PRO B 3 27.49 34.22 -7.92
C PRO B 3 26.60 34.30 -6.68
N HIS B 4 26.27 33.14 -6.05
CA HIS B 4 25.48 33.14 -4.84
C HIS B 4 26.31 32.59 -3.68
N ALA B 5 25.72 32.55 -2.47
CA ALA B 5 26.42 32.02 -1.31
C ALA B 5 26.91 30.61 -1.63
N PHE B 6 26.05 29.84 -2.30
CA PHE B 6 26.31 28.48 -2.77
C PHE B 6 26.42 28.49 -4.29
N LYS B 7 27.49 27.88 -4.82
CA LYS B 7 27.74 27.82 -6.26
C LYS B 7 27.63 26.36 -6.70
N PRO B 8 27.26 26.07 -7.98
CA PRO B 8 27.24 24.69 -8.47
C PRO B 8 28.53 23.96 -8.11
N GLY B 9 28.38 22.73 -7.60
CA GLY B 9 29.52 21.88 -7.29
C GLY B 9 29.90 21.91 -5.81
N ASP B 10 29.34 22.87 -5.07
CA ASP B 10 29.59 22.92 -3.63
C ASP B 10 29.02 21.65 -2.98
N LEU B 11 29.77 21.06 -2.06
CA LEU B 11 29.32 19.82 -1.43
C LEU B 11 28.67 20.19 -0.11
N VAL B 12 27.55 19.53 0.23
CA VAL B 12 26.81 19.84 1.47
C VAL B 12 26.29 18.56 2.12
N PHE B 13 25.83 18.67 3.38
CA PHE B 13 24.72 17.80 3.78
C PHE B 13 23.42 18.59 3.67
N ALA B 14 22.37 17.97 3.08
CA ALA B 14 21.09 18.62 2.88
C ALA B 14 20.01 17.93 3.72
N LYS B 15 19.13 18.75 4.29
CA LYS B 15 18.21 18.25 5.31
C LYS B 15 16.80 18.33 4.73
N MET B 16 16.19 17.16 4.61
CA MET B 16 14.80 17.05 4.20
C MET B 16 13.98 16.43 5.34
N LYS B 17 12.76 16.94 5.53
CA LYS B 17 11.85 16.40 6.54
C LYS B 17 11.74 14.88 6.36
N GLY B 18 11.93 14.15 7.46
CA GLY B 18 11.81 12.69 7.50
C GLY B 18 13.13 11.95 7.24
N TYR B 19 14.25 12.67 7.00
CA TYR B 19 15.48 12.01 6.62
C TYR B 19 16.66 12.62 7.37
N PRO B 20 17.76 11.86 7.64
CA PRO B 20 18.93 12.45 8.29
C PRO B 20 19.58 13.42 7.31
N HIS B 21 20.34 14.39 7.81
CA HIS B 21 21.23 15.22 6.98
C HIS B 21 21.94 14.35 5.95
N TRP B 22 21.80 14.71 4.66
CA TRP B 22 22.08 13.76 3.60
C TRP B 22 23.21 14.29 2.69
N PRO B 23 24.24 13.47 2.35
CA PRO B 23 25.36 13.95 1.53
C PRO B 23 24.79 14.36 0.18
N ALA B 24 25.14 15.56 -0.28
CA ALA B 24 24.55 16.12 -1.49
C ALA B 24 25.48 17.17 -2.11
N ARG B 25 25.07 17.64 -3.30
CA ARG B 25 25.76 18.73 -3.97
C ARG B 25 24.74 19.71 -4.55
N ILE B 26 25.19 20.97 -4.72
CA ILE B 26 24.44 21.97 -5.46
C ILE B 26 24.70 21.64 -6.93
N ASP B 27 23.63 21.55 -7.73
CA ASP B 27 23.72 21.32 -9.15
C ASP B 27 23.59 22.64 -9.92
N ASP B 28 24.00 22.61 -11.19
N ASP B 28 24.00 22.64 -11.19
CA ASP B 28 23.79 23.70 -12.16
CA ASP B 28 23.77 23.78 -12.07
C ASP B 28 22.32 23.72 -12.58
C ASP B 28 22.37 23.67 -12.67
N ILE B 29 21.94 24.72 -13.38
CA ILE B 29 20.63 24.75 -14.02
C ILE B 29 20.83 24.84 -15.54
N VAL B 34 12.24 23.50 -15.43
CA VAL B 34 12.02 24.26 -14.17
C VAL B 34 13.25 25.13 -13.91
N LYS B 35 13.04 26.23 -13.16
CA LYS B 35 14.10 26.93 -12.46
C LYS B 35 13.74 26.95 -10.97
N PRO B 36 14.71 26.90 -10.03
CA PRO B 36 14.40 26.83 -8.59
C PRO B 36 13.35 27.85 -8.14
N PRO B 37 12.50 27.56 -7.14
CA PRO B 37 11.64 28.59 -6.55
C PRO B 37 12.59 29.66 -6.03
N PRO B 38 12.10 30.88 -5.68
CA PRO B 38 12.97 31.91 -5.11
C PRO B 38 13.70 31.45 -3.85
N ASN B 39 14.99 31.81 -3.75
CA ASN B 39 15.80 31.59 -2.56
C ASN B 39 16.30 30.15 -2.41
N LYS B 40 15.94 29.25 -3.35
CA LYS B 40 16.23 27.84 -3.21
C LYS B 40 17.24 27.40 -4.26
N TYR B 41 17.85 26.23 -4.04
CA TYR B 41 18.87 25.72 -4.94
C TYR B 41 18.52 24.30 -5.42
N PRO B 42 18.97 23.90 -6.62
CA PRO B 42 18.80 22.53 -7.08
C PRO B 42 19.79 21.67 -6.30
N ILE B 43 19.24 20.71 -5.55
CA ILE B 43 20.07 19.78 -4.79
C ILE B 43 20.12 18.40 -5.47
N PHE B 44 21.30 17.77 -5.50
CA PHE B 44 21.42 16.39 -5.95
C PHE B 44 21.89 15.56 -4.76
N PHE B 45 21.10 14.52 -4.40
CA PHE B 45 21.42 13.66 -3.27
C PHE B 45 22.24 12.47 -3.73
N PHE B 46 23.44 12.34 -3.16
CA PHE B 46 24.32 11.21 -3.45
C PHE B 46 23.67 9.91 -2.95
N GLY B 47 24.03 8.80 -3.60
CA GLY B 47 23.53 7.50 -3.20
C GLY B 47 22.14 7.23 -3.78
N THR B 48 21.15 8.06 -3.41
CA THR B 48 19.81 7.89 -3.93
C THR B 48 19.75 8.43 -5.35
N HIS B 49 20.57 9.45 -5.62
CA HIS B 49 20.55 10.18 -6.87
C HIS B 49 19.20 10.86 -7.12
N GLU B 50 18.50 11.24 -6.05
CA GLU B 50 17.25 11.98 -6.19
C GLU B 50 17.57 13.48 -6.19
N THR B 51 16.55 14.30 -6.49
CA THR B 51 16.76 15.75 -6.48
C THR B 51 15.63 16.41 -5.70
N ALA B 52 15.89 17.61 -5.15
CA ALA B 52 14.88 18.51 -4.65
C ALA B 52 15.42 19.94 -4.67
N PHE B 53 14.53 20.91 -4.41
CA PHE B 53 14.96 22.28 -4.19
C PHE B 53 14.93 22.56 -2.69
N LEU B 54 16.02 23.13 -2.16
CA LEU B 54 16.14 23.44 -0.74
C LEU B 54 16.73 24.83 -0.59
N GLY B 55 16.35 25.49 0.52
CA GLY B 55 16.88 26.79 0.91
C GLY B 55 18.11 26.61 1.80
N PRO B 56 18.93 27.67 1.95
CA PRO B 56 20.09 27.65 2.85
C PRO B 56 19.91 27.10 4.26
N LYS B 57 18.72 27.21 4.85
CA LYS B 57 18.55 26.82 6.24
C LYS B 57 18.76 25.31 6.38
N ASP B 58 18.64 24.61 5.24
CA ASP B 58 18.70 23.16 5.22
C ASP B 58 19.98 22.66 4.56
N LEU B 59 20.92 23.60 4.30
CA LEU B 59 22.16 23.25 3.61
C LEU B 59 23.37 23.50 4.49
N PHE B 60 24.14 22.43 4.70
CA PHE B 60 25.25 22.43 5.64
C PHE B 60 26.54 22.15 4.86
N PRO B 61 27.41 23.17 4.64
CA PRO B 61 28.71 22.94 4.00
C PRO B 61 29.41 21.66 4.47
N TYR B 62 29.85 20.85 3.50
CA TYR B 62 30.27 19.49 3.79
C TYR B 62 31.47 19.41 4.73
N ASP B 63 32.52 20.22 4.44
CA ASP B 63 33.76 20.21 5.20
C ASP B 63 33.51 20.53 6.67
N LYS B 64 32.80 21.62 6.93
CA LYS B 64 32.42 21.99 8.29
C LYS B 64 31.66 20.86 9.00
N SER B 65 30.79 20.13 8.28
CA SER B 65 29.78 19.32 8.97
C SER B 65 30.00 17.81 8.86
N LYS B 66 31.06 17.41 8.16
CA LYS B 66 31.21 15.99 7.81
C LYS B 66 31.38 15.11 9.06
N ASP B 67 32.05 15.60 10.09
CA ASP B 67 32.32 14.68 11.18
C ASP B 67 31.06 14.49 12.02
N LYS B 68 30.16 15.47 11.99
CA LYS B 68 28.88 15.41 12.69
C LYS B 68 27.86 14.58 11.94
N TYR B 69 27.73 14.80 10.62
CA TYR B 69 26.62 14.25 9.83
C TYR B 69 27.07 13.01 9.04
N GLY B 70 28.40 12.84 8.88
CA GLY B 70 28.89 11.88 7.90
C GLY B 70 29.11 10.48 8.46
N LYS B 71 28.18 10.01 9.30
CA LYS B 71 28.28 8.68 9.89
C LYS B 71 27.34 7.74 9.14
N PRO B 72 27.77 6.49 8.85
CA PRO B 72 26.84 5.50 8.30
C PRO B 72 25.59 5.32 9.16
N ASN B 73 24.46 5.01 8.50
CA ASN B 73 23.21 4.64 9.15
C ASN B 73 22.53 3.54 8.31
N LYS B 74 21.27 3.24 8.61
CA LYS B 74 20.53 2.17 7.94
C LYS B 74 19.62 2.68 6.81
N ARG B 75 19.71 3.96 6.41
CA ARG B 75 18.78 4.46 5.40
C ARG B 75 19.29 4.03 4.03
N LYS B 76 18.36 3.60 3.17
CA LYS B 76 18.67 3.13 1.83
C LYS B 76 19.32 4.25 1.00
N GLY B 77 20.53 3.94 0.52
CA GLY B 77 21.28 4.84 -0.36
C GLY B 77 22.26 5.72 0.42
N PHE B 78 22.17 5.75 1.76
CA PHE B 78 23.00 6.66 2.57
C PHE B 78 24.48 6.31 2.49
N ASN B 79 24.84 5.05 2.76
CA ASN B 79 26.26 4.73 2.75
C ASN B 79 26.85 4.83 1.34
N GLU B 80 26.06 4.53 0.31
CA GLU B 80 26.52 4.75 -1.07
C GLU B 80 26.78 6.24 -1.28
N GLY B 81 25.91 7.10 -0.70
CA GLY B 81 26.03 8.55 -0.82
C GLY B 81 27.31 9.05 -0.15
N LEU B 82 27.65 8.45 0.99
CA LEU B 82 28.89 8.80 1.66
C LEU B 82 30.07 8.45 0.76
N TRP B 83 30.03 7.27 0.12
CA TRP B 83 31.08 6.84 -0.78
C TRP B 83 31.26 7.84 -1.92
N GLU B 84 30.14 8.29 -2.51
CA GLU B 84 30.16 9.16 -3.68
C GLU B 84 30.68 10.56 -3.37
N ILE B 85 30.24 11.18 -2.25
CA ILE B 85 30.62 12.56 -1.94
C ILE B 85 32.13 12.61 -1.70
N GLN B 86 32.64 11.51 -1.18
CA GLN B 86 34.05 11.32 -0.87
C GLN B 86 34.89 11.02 -2.12
N ASN B 87 34.35 10.25 -3.07
CA ASN B 87 35.29 9.64 -4.02
C ASN B 87 35.08 10.17 -5.42
N ASN B 88 33.88 10.64 -5.72
CA ASN B 88 33.62 11.19 -7.04
C ASN B 88 32.42 12.12 -7.00
N PRO B 89 32.53 13.20 -6.18
CA PRO B 89 31.41 14.13 -5.98
C PRO B 89 30.93 14.82 -7.23
N HIS B 90 31.81 14.90 -8.27
CA HIS B 90 31.46 15.73 -9.41
C HIS B 90 31.06 14.91 -10.66
N ALA B 91 30.89 13.58 -10.47
CA ALA B 91 30.55 12.71 -11.59
C ALA B 91 29.15 12.96 -12.11
N SER B 92 28.93 12.51 -13.35
CA SER B 92 27.61 12.40 -13.91
C SER B 92 27.00 11.11 -13.36
N TYR B 93 25.85 11.24 -12.71
CA TYR B 93 25.07 10.17 -12.11
C TYR B 93 23.86 9.92 -13.01
N SER B 94 23.95 10.44 -14.25
CA SER B 94 22.97 10.26 -15.30
C SER B 94 22.88 8.79 -15.72
N HIS C 4 -34.68 -3.14 -14.60
CA HIS C 4 -33.84 -4.32 -14.98
C HIS C 4 -34.72 -5.57 -14.96
N ALA C 5 -34.24 -6.63 -14.28
CA ALA C 5 -34.71 -8.00 -14.43
C ALA C 5 -34.04 -8.87 -13.38
N PHE C 6 -34.67 -8.98 -12.20
CA PHE C 6 -34.00 -9.66 -11.10
C PHE C 6 -34.72 -10.97 -10.82
N LYS C 7 -34.00 -12.09 -10.98
CA LYS C 7 -34.50 -13.43 -10.69
C LYS C 7 -33.76 -13.94 -9.47
N PRO C 8 -34.26 -14.98 -8.76
CA PRO C 8 -33.54 -15.54 -7.61
C PRO C 8 -32.10 -15.94 -7.93
N GLY C 9 -31.20 -15.69 -6.97
CA GLY C 9 -29.80 -16.07 -7.08
C GLY C 9 -28.92 -14.97 -7.67
N ASP C 10 -29.52 -14.04 -8.42
CA ASP C 10 -28.84 -12.89 -9.01
C ASP C 10 -28.09 -12.11 -7.92
N LEU C 11 -26.82 -11.79 -8.19
CA LEU C 11 -25.95 -11.03 -7.30
C LEU C 11 -26.10 -9.54 -7.56
N VAL C 12 -26.26 -8.77 -6.47
CA VAL C 12 -26.52 -7.34 -6.55
C VAL C 12 -25.73 -6.60 -5.45
N PHE C 13 -25.71 -5.26 -5.54
CA PHE C 13 -25.59 -4.34 -4.41
C PHE C 13 -26.96 -3.76 -4.10
N ALA C 14 -27.34 -3.79 -2.82
CA ALA C 14 -28.68 -3.42 -2.40
C ALA C 14 -28.56 -2.23 -1.47
N LYS C 15 -29.31 -1.16 -1.77
CA LYS C 15 -29.24 0.08 -1.00
C LYS C 15 -30.43 0.22 -0.07
N MET C 16 -30.15 0.31 1.24
CA MET C 16 -31.16 0.64 2.24
C MET C 16 -30.79 1.98 2.86
N LYS C 17 -31.82 2.72 3.31
CA LYS C 17 -31.54 3.99 3.95
C LYS C 17 -30.70 3.71 5.19
N GLY C 18 -29.61 4.45 5.35
CA GLY C 18 -28.86 4.30 6.58
C GLY C 18 -27.61 3.42 6.40
N TYR C 19 -27.42 2.91 5.17
CA TYR C 19 -26.38 1.91 4.90
C TYR C 19 -25.78 2.13 3.53
N PRO C 20 -24.47 1.81 3.39
CA PRO C 20 -23.81 1.89 2.08
C PRO C 20 -24.44 0.82 1.17
N HIS C 21 -24.27 0.99 -0.16
CA HIS C 21 -24.67 -0.05 -1.09
C HIS C 21 -24.00 -1.37 -0.70
N TRP C 22 -24.81 -2.42 -0.49
CA TRP C 22 -24.33 -3.58 0.25
C TRP C 22 -24.34 -4.82 -0.65
N PRO C 23 -23.28 -5.67 -0.65
CA PRO C 23 -23.30 -6.89 -1.47
C PRO C 23 -24.39 -7.84 -1.00
N ALA C 24 -25.17 -8.37 -1.95
CA ALA C 24 -26.37 -9.12 -1.61
C ALA C 24 -26.76 -10.04 -2.77
N ARG C 25 -27.77 -10.89 -2.54
CA ARG C 25 -28.38 -11.60 -3.64
C ARG C 25 -29.92 -11.60 -3.49
N ILE C 26 -30.62 -11.74 -4.62
CA ILE C 26 -32.05 -12.00 -4.69
C ILE C 26 -32.29 -13.43 -4.22
N ASP C 27 -33.14 -13.59 -3.21
CA ASP C 27 -33.66 -14.89 -2.82
C ASP C 27 -34.96 -15.20 -3.56
N ASP C 28 -35.31 -16.50 -3.64
CA ASP C 28 -36.67 -16.91 -3.98
C ASP C 28 -37.52 -16.81 -2.72
N ILE C 29 -38.82 -16.60 -2.90
CA ILE C 29 -39.74 -16.35 -1.78
C ILE C 29 -40.45 -17.65 -1.41
N LYS C 35 -46.03 -13.18 1.55
CA LYS C 35 -45.43 -12.78 0.25
C LYS C 35 -44.80 -11.39 0.43
N PRO C 36 -43.92 -10.94 -0.49
CA PRO C 36 -43.34 -9.60 -0.39
C PRO C 36 -44.42 -8.53 -0.38
N PRO C 37 -44.16 -7.31 0.15
CA PRO C 37 -45.00 -6.16 -0.20
C PRO C 37 -44.98 -6.02 -1.73
N PRO C 38 -46.01 -5.37 -2.33
CA PRO C 38 -46.07 -5.21 -3.78
C PRO C 38 -44.80 -4.62 -4.37
N ASN C 39 -44.35 -5.24 -5.48
CA ASN C 39 -43.20 -4.82 -6.27
C ASN C 39 -41.89 -4.89 -5.47
N LYS C 40 -41.83 -5.71 -4.41
CA LYS C 40 -40.57 -5.82 -3.66
C LYS C 40 -39.94 -7.19 -3.87
N TYR C 41 -38.60 -7.26 -3.79
CA TYR C 41 -37.84 -8.50 -3.92
C TYR C 41 -37.28 -8.89 -2.57
N PRO C 42 -37.18 -10.21 -2.27
CA PRO C 42 -36.56 -10.69 -1.02
C PRO C 42 -35.05 -10.68 -1.25
N ILE C 43 -34.35 -9.96 -0.37
CA ILE C 43 -32.91 -9.76 -0.46
C ILE C 43 -32.24 -10.46 0.72
N PHE C 44 -31.13 -11.15 0.42
CA PHE C 44 -30.23 -11.63 1.45
C PHE C 44 -28.91 -10.85 1.36
N PHE C 45 -28.46 -10.32 2.50
CA PHE C 45 -27.28 -9.47 2.55
C PHE C 45 -26.09 -10.35 2.96
N PHE C 46 -25.03 -10.34 2.14
CA PHE C 46 -23.81 -11.04 2.50
C PHE C 46 -23.15 -10.35 3.70
N GLY C 47 -22.34 -11.14 4.41
CA GLY C 47 -21.62 -10.61 5.56
C GLY C 47 -22.50 -10.63 6.81
N THR C 48 -23.56 -9.81 6.83
CA THR C 48 -24.47 -9.76 7.97
C THR C 48 -25.40 -10.99 7.95
N HIS C 49 -25.69 -11.50 6.76
CA HIS C 49 -26.60 -12.62 6.54
C HIS C 49 -28.03 -12.30 6.99
N GLU C 50 -28.44 -11.02 6.92
CA GLU C 50 -29.82 -10.62 7.22
C GLU C 50 -30.64 -10.55 5.93
N THR C 51 -31.96 -10.30 6.10
CA THR C 51 -32.90 -10.26 4.98
C THR C 51 -33.74 -8.99 5.09
N ALA C 52 -34.28 -8.55 3.95
CA ALA C 52 -35.16 -7.41 3.86
C ALA C 52 -35.84 -7.47 2.50
N PHE C 53 -36.90 -6.67 2.33
CA PHE C 53 -37.59 -6.55 1.06
C PHE C 53 -37.20 -5.20 0.48
N LEU C 54 -36.76 -5.19 -0.78
CA LEU C 54 -36.39 -3.93 -1.41
C LEU C 54 -37.02 -3.90 -2.80
N GLY C 55 -37.25 -2.69 -3.31
CA GLY C 55 -37.74 -2.48 -4.66
C GLY C 55 -36.60 -2.38 -5.67
N PRO C 56 -36.90 -2.42 -6.98
CA PRO C 56 -35.88 -2.57 -8.01
C PRO C 56 -34.95 -1.38 -8.12
N LYS C 57 -35.45 -0.21 -7.70
CA LYS C 57 -34.67 1.02 -7.74
C LYS C 57 -33.48 0.92 -6.78
N ASP C 58 -33.57 0.00 -5.82
CA ASP C 58 -32.60 -0.06 -4.73
C ASP C 58 -31.54 -1.11 -5.00
N LEU C 59 -31.55 -1.68 -6.20
CA LEU C 59 -30.76 -2.88 -6.49
C LEU C 59 -29.90 -2.61 -7.72
N PHE C 60 -28.67 -3.14 -7.70
CA PHE C 60 -27.66 -2.85 -8.72
C PHE C 60 -26.98 -4.16 -9.12
N PRO C 61 -27.05 -4.58 -10.41
CA PRO C 61 -26.42 -5.83 -10.84
C PRO C 61 -24.96 -5.80 -10.43
N TYR C 62 -24.51 -6.91 -9.83
CA TYR C 62 -23.21 -6.98 -9.18
C TYR C 62 -22.10 -6.72 -10.18
N ASP C 63 -22.14 -7.44 -11.32
CA ASP C 63 -21.11 -7.30 -12.34
C ASP C 63 -21.08 -5.89 -12.90
N LYS C 64 -22.26 -5.29 -13.11
CA LYS C 64 -22.31 -3.96 -13.70
C LYS C 64 -21.79 -2.89 -12.75
N SER C 65 -21.89 -3.10 -11.41
CA SER C 65 -21.62 -2.01 -10.48
C SER C 65 -20.50 -2.31 -9.47
N LYS C 66 -19.87 -3.49 -9.53
CA LYS C 66 -18.82 -3.79 -8.58
C LYS C 66 -17.65 -2.81 -8.68
N ASP C 67 -17.38 -2.26 -9.87
CA ASP C 67 -16.28 -1.30 -9.96
C ASP C 67 -16.53 -0.10 -9.04
N LYS C 68 -17.79 0.31 -8.90
CA LYS C 68 -18.18 1.45 -8.05
C LYS C 68 -18.46 1.06 -6.59
N TYR C 69 -19.16 -0.06 -6.33
CA TYR C 69 -19.61 -0.31 -4.96
C TYR C 69 -18.76 -1.36 -4.24
N GLY C 70 -18.04 -2.19 -5.00
CA GLY C 70 -17.29 -3.29 -4.38
C GLY C 70 -15.93 -2.77 -3.95
N LYS C 71 -15.92 -2.07 -2.81
CA LYS C 71 -14.73 -1.49 -2.21
C LYS C 71 -14.93 -1.55 -0.70
N PRO C 72 -13.87 -1.77 0.11
CA PRO C 72 -14.07 -2.04 1.53
C PRO C 72 -14.71 -0.86 2.24
N ASN C 73 -15.32 -1.17 3.39
CA ASN C 73 -15.63 -0.09 4.31
C ASN C 73 -15.80 -0.70 5.70
N LYS C 74 -15.93 0.17 6.68
CA LYS C 74 -15.74 -0.26 8.06
C LYS C 74 -17.05 -0.73 8.66
N ARG C 75 -18.15 -0.59 7.91
CA ARG C 75 -19.44 -1.01 8.46
C ARG C 75 -19.41 -2.50 8.79
N LYS C 76 -20.08 -2.84 9.90
CA LYS C 76 -20.04 -4.19 10.45
C LYS C 76 -20.49 -5.20 9.39
N GLY C 77 -19.62 -6.18 9.13
CA GLY C 77 -20.02 -7.31 8.31
C GLY C 77 -19.76 -7.08 6.83
N PHE C 78 -19.39 -5.83 6.47
CA PHE C 78 -19.32 -5.45 5.07
C PHE C 78 -18.20 -6.20 4.33
N ASN C 79 -17.00 -6.24 4.92
CA ASN C 79 -15.86 -6.77 4.18
C ASN C 79 -16.00 -8.28 4.03
N GLU C 80 -16.52 -8.93 5.07
CA GLU C 80 -16.82 -10.36 4.92
C GLU C 80 -17.85 -10.55 3.81
N GLY C 81 -18.84 -9.64 3.74
CA GLY C 81 -19.81 -9.65 2.65
C GLY C 81 -19.14 -9.57 1.27
N LEU C 82 -18.15 -8.67 1.13
CA LEU C 82 -17.44 -8.55 -0.14
C LEU C 82 -16.75 -9.88 -0.49
N TRP C 83 -16.14 -10.51 0.52
CA TRP C 83 -15.50 -11.80 0.29
C TRP C 83 -16.54 -12.82 -0.23
N GLU C 84 -17.71 -12.89 0.42
CA GLU C 84 -18.74 -13.88 0.07
C GLU C 84 -19.24 -13.72 -1.37
N ILE C 85 -19.54 -12.47 -1.77
CA ILE C 85 -20.14 -12.21 -3.06
C ILE C 85 -19.18 -12.57 -4.19
N GLN C 86 -17.86 -12.38 -3.94
CA GLN C 86 -16.83 -12.69 -4.92
C GLN C 86 -16.46 -14.18 -4.91
N ASN C 87 -16.47 -14.81 -3.74
CA ASN C 87 -15.81 -16.10 -3.59
C ASN C 87 -16.79 -17.23 -3.32
N ASN C 88 -17.84 -16.97 -2.54
CA ASN C 88 -18.76 -18.06 -2.20
C ASN C 88 -20.21 -17.60 -2.28
N PRO C 89 -20.68 -17.11 -3.45
CA PRO C 89 -21.95 -16.40 -3.54
C PRO C 89 -23.25 -17.19 -3.42
N HIS C 90 -23.16 -18.54 -3.49
CA HIS C 90 -24.35 -19.39 -3.43
C HIS C 90 -24.26 -20.44 -2.33
N ALA C 91 -23.39 -20.24 -1.33
CA ALA C 91 -23.43 -21.07 -0.13
C ALA C 91 -24.67 -20.74 0.71
N SER C 92 -24.95 -21.59 1.69
CA SER C 92 -26.22 -21.62 2.40
C SER C 92 -26.32 -20.50 3.44
N TYR C 93 -25.23 -20.35 4.21
CA TYR C 93 -25.18 -19.43 5.35
C TYR C 93 -26.38 -19.70 6.26
S SO4 D . -8.63 -8.09 17.31
O1 SO4 D . -8.46 -6.67 17.38
O2 SO4 D . -8.01 -8.60 16.11
O3 SO4 D . -8.02 -8.71 18.47
O4 SO4 D . -10.03 -8.41 17.30
S SO4 E . 0.19 -19.20 16.77
O1 SO4 E . 1.37 -18.43 16.48
O2 SO4 E . -0.21 -19.92 15.59
O3 SO4 E . 0.47 -20.12 17.84
O4 SO4 E . -0.88 -18.31 17.18
C1 EDO F . 1.58 1.02 1.01
O1 EDO F . 1.39 1.53 -0.33
C2 EDO F . 3.01 0.75 1.35
O2 EDO F . 3.62 -0.25 0.55
S SO4 G . -12.20 -6.28 8.42
O1 SO4 G . -11.25 -5.68 7.56
O2 SO4 G . -12.08 -5.72 9.75
O3 SO4 G . -13.53 -6.05 7.92
O4 SO4 G . -11.94 -7.71 8.50
S SO4 H . 23.50 1.74 0.75
O1 SO4 H . 23.77 3.08 0.34
O2 SO4 H . 24.06 1.48 2.06
O3 SO4 H . 22.08 1.48 0.83
O4 SO4 H . 24.11 0.88 -0.25
S SO4 I . 12.81 14.89 11.05
O1 SO4 I . 12.19 15.28 9.81
O2 SO4 I . 12.55 15.90 12.06
O3 SO4 I . 12.27 13.63 11.49
O4 SO4 I . 14.23 14.75 10.87
N1 A1H9U J . 15.35 11.79 -0.33
C4 A1H9U J . 14.33 11.51 -1.29
C5 A1H9U J . 13.67 10.28 -1.28
C6 A1H9U J . 12.73 10.00 -2.27
C7 A1H9U J . 12.45 10.94 -3.25
C8 A1H9U J . 13.12 12.18 -3.27
C10 A1H9U J . 14.82 13.80 -2.29
C1 A1H9U J . 17.11 12.75 1.55
C2 A1H9U J . 17.54 11.55 0.62
C3 A1H9U J . 16.61 11.36 -0.54
C9 A1H9U J . 14.08 12.49 -2.28
N2 A1H9U J . 12.86 13.13 -4.26
O1 A1H9U J . 16.97 10.87 -1.60
C1 EDO K . -26.63 -4.06 6.56
O1 EDO K . -26.33 -4.30 7.92
C2 EDO K . -27.11 -5.27 5.84
O2 EDO K . -27.50 -6.33 6.66
S SO4 L . -28.98 8.20 1.87
O1 SO4 L . -28.74 8.79 0.57
O2 SO4 L . -27.74 7.72 2.40
O3 SO4 L . -29.53 9.19 2.77
O4 SO4 L . -29.91 7.11 1.74
#